data_2I9D
#
_entry.id   2I9D
#
_cell.length_a   116.144
_cell.length_b   116.144
_cell.length_c   130.863
_cell.angle_alpha   90.000
_cell.angle_beta   90.000
_cell.angle_gamma   120.000
#
_symmetry.space_group_name_H-M   'P 61'
#
loop_
_entity.id
_entity.type
_entity.pdbx_description
1 polymer 'Chloramphenicol acetyltransferase'
2 water water
#
_entity_poly.entity_id   1
_entity_poly.type   'polypeptide(L)'
_entity_poly.pdbx_seq_one_letter_code
;SNA(MSE)KQIIDIENWERKENFNFFRHFQNPQLSITSEVECGGARQRAKAAGQSFFLHYLYAVLRAANEIPEFRYRIDP
DGRVVLYDTID(MSE)LSPIKIKENGKFFTTRFPYHNDFDTFYQEARLIIDAIPEDGDPYAAENEEVADGDYGLILLSAT
PDLYFTSITGTQEKRSGNNYPLLNAGKAIIREGRLV(MSE)PIA(MSE)TIHHGFIDGHHLSLFYKKVEDFLK
;
_entity_poly.pdbx_strand_id   A,B,C
#
# COMPACT_ATOMS: atom_id res chain seq x y z
N LYS A 5 18.54 -18.98 -17.92
CA LYS A 5 17.86 -17.77 -18.35
C LYS A 5 18.27 -17.33 -19.76
N GLN A 6 17.49 -16.44 -20.38
CA GLN A 6 17.83 -15.83 -21.66
C GLN A 6 18.05 -14.33 -21.52
N ILE A 7 19.14 -13.82 -22.07
CA ILE A 7 19.29 -12.38 -22.24
C ILE A 7 18.26 -11.98 -23.31
N ILE A 8 17.43 -10.98 -22.99
CA ILE A 8 16.36 -10.59 -23.90
C ILE A 8 16.86 -9.57 -24.89
N ASP A 9 16.58 -9.82 -26.17
CA ASP A 9 16.82 -8.85 -27.22
C ASP A 9 15.79 -7.73 -27.11
N ILE A 10 16.22 -6.61 -26.54
CA ILE A 10 15.38 -5.46 -26.28
C ILE A 10 14.69 -4.89 -27.54
N GLU A 11 15.35 -5.00 -28.70
CA GLU A 11 14.82 -4.41 -29.94
C GLU A 11 13.56 -5.13 -30.40
N ASN A 12 13.61 -6.45 -30.38
CA ASN A 12 12.39 -7.25 -30.39
C ASN A 12 11.81 -7.18 -28.97
N TRP A 13 11.09 -8.18 -28.46
CA TRP A 13 10.43 -8.00 -27.12
C TRP A 13 9.31 -6.96 -27.16
N GLU A 14 8.10 -7.46 -26.93
CA GLU A 14 6.88 -6.65 -27.00
C GLU A 14 6.83 -5.50 -25.97
N ARG A 15 7.59 -5.62 -24.88
CA ARG A 15 7.59 -4.60 -23.82
C ARG A 15 8.76 -3.64 -23.84
N LYS A 16 9.52 -3.65 -24.93
CA LYS A 16 10.56 -2.63 -25.18
C LYS A 16 10.13 -1.25 -24.69
N GLU A 17 9.02 -0.76 -25.21
CA GLU A 17 8.55 0.59 -24.93
C GLU A 17 7.99 0.77 -23.51
N ASN A 18 7.31 -0.25 -23.00
CA ASN A 18 6.84 -0.30 -21.62
C ASN A 18 8.01 -0.17 -20.65
N PHE A 19 9.06 -0.97 -20.88
CA PHE A 19 10.26 -0.94 -20.05
C PHE A 19 11.07 0.35 -20.17
N ASN A 20 11.22 0.89 -21.37
CA ASN A 20 11.95 2.15 -21.52
C ASN A 20 11.26 3.36 -20.91
N PHE A 21 9.93 3.34 -20.86
CA PHE A 21 9.15 4.37 -20.15
C PHE A 21 9.56 4.49 -18.67
N PHE A 22 9.69 3.34 -17.98
CA PHE A 22 10.04 3.34 -16.55
C PHE A 22 11.55 3.36 -16.22
N ARG A 23 12.38 3.18 -17.25
CA ARG A 23 13.86 3.11 -17.12
C ARG A 23 14.51 4.15 -16.23
N HIS A 24 14.07 5.39 -16.27
CA HIS A 24 14.71 6.44 -15.47
C HIS A 24 13.92 6.90 -14.24
N PHE A 25 12.83 6.20 -13.94
CA PHE A 25 11.98 6.48 -12.79
C PHE A 25 12.71 6.31 -11.46
N GLN A 26 12.54 7.27 -10.56
CA GLN A 26 12.89 7.13 -9.16
C GLN A 26 12.32 5.84 -8.50
N ASN A 27 11.04 5.56 -8.75
CA ASN A 27 10.41 4.36 -8.28
C ASN A 27 9.56 3.78 -9.39
N PRO A 28 10.07 2.74 -10.10
CA PRO A 28 9.38 2.03 -11.20
C PRO A 28 8.45 0.89 -10.74
N GLN A 29 8.22 0.80 -9.43
CA GLN A 29 7.55 -0.36 -8.85
C GLN A 29 6.11 -0.03 -8.60
N LEU A 30 5.28 -1.05 -8.66
CA LEU A 30 4.00 -0.86 -8.02
C LEU A 30 3.68 -1.92 -7.00
N SER A 31 2.95 -1.54 -5.95
CA SER A 31 2.41 -2.52 -5.00
C SER A 31 0.92 -2.68 -5.16
N ILE A 32 0.43 -3.88 -4.93
CA ILE A 32 -0.99 -4.11 -5.01
C ILE A 32 -1.33 -5.12 -3.95
N THR A 33 -2.50 -4.99 -3.33
CA THR A 33 -3.09 -6.02 -2.48
C THR A 33 -4.46 -6.43 -3.00
N SER A 34 -4.72 -7.73 -3.03
CA SER A 34 -6.04 -8.24 -3.40
C SER A 34 -6.37 -9.41 -2.50
N GLU A 35 -7.55 -10.00 -2.66
CA GLU A 35 -7.97 -11.11 -1.81
C GLU A 35 -8.34 -12.29 -2.67
N VAL A 36 -8.01 -13.48 -2.20
CA VAL A 36 -8.33 -14.69 -2.92
C VAL A 36 -9.11 -15.61 -2.01
N GLU A 37 -10.01 -16.36 -2.63
CA GLU A 37 -10.68 -17.48 -1.95
C GLU A 37 -9.71 -18.61 -1.84
N CYS A 38 -9.76 -19.29 -0.70
CA CYS A 38 -8.82 -20.35 -0.40
C CYS A 38 -9.44 -21.44 0.47
N GLY A 39 -10.79 -21.50 0.48
CA GLY A 39 -11.52 -22.51 1.25
C GLY A 39 -11.17 -23.94 0.87
N GLY A 40 -11.06 -24.21 -0.44
CA GLY A 40 -10.63 -25.52 -0.96
C GLY A 40 -9.30 -26.01 -0.42
N ALA A 41 -8.23 -25.23 -0.64
CA ALA A 41 -6.91 -25.60 -0.15
C ALA A 41 -6.88 -25.78 1.37
N ARG A 42 -7.66 -25.00 2.10
CA ARG A 42 -7.72 -25.19 3.54
C ARG A 42 -8.32 -26.53 3.96
N GLN A 43 -9.41 -26.92 3.28
CA GLN A 43 -10.00 -28.26 3.49
C GLN A 43 -9.05 -29.40 3.13
N ARG A 44 -8.49 -29.34 1.92
CA ARG A 44 -7.48 -30.31 1.48
C ARG A 44 -6.30 -30.45 2.41
N ALA A 45 -5.82 -29.32 2.95
CA ALA A 45 -4.68 -29.30 3.88
C ALA A 45 -5.06 -29.97 5.19
N LYS A 46 -6.21 -29.58 5.73
CA LYS A 46 -6.73 -30.13 6.98
C LYS A 46 -6.92 -31.63 6.87
N ALA A 47 -7.47 -32.08 5.75
CA ALA A 47 -7.79 -33.48 5.53
C ALA A 47 -6.51 -34.30 5.36
N ALA A 48 -5.56 -33.78 4.57
CA ALA A 48 -4.27 -34.45 4.35
C ALA A 48 -3.30 -34.29 5.52
N GLY A 49 -3.72 -33.62 6.59
CA GLY A 49 -2.83 -33.33 7.73
C GLY A 49 -1.63 -32.45 7.37
N GLN A 50 -1.77 -31.65 6.32
CA GLN A 50 -0.67 -30.86 5.76
C GLN A 50 -0.66 -29.39 6.17
N SER A 51 0.46 -28.72 5.90
CA SER A 51 0.60 -27.28 6.16
C SER A 51 -0.15 -26.44 5.12
N PHE A 52 -1.13 -25.65 5.57
CA PHE A 52 -1.88 -24.78 4.66
C PHE A 52 -0.93 -23.73 4.02
N PHE A 53 0.03 -23.26 4.81
CA PHE A 53 1.13 -22.39 4.33
C PHE A 53 1.79 -22.85 3.02
N LEU A 54 2.12 -24.14 2.95
CA LEU A 54 2.75 -24.71 1.76
C LEU A 54 1.79 -24.83 0.59
N HIS A 55 0.49 -24.96 0.89
CA HIS A 55 -0.53 -24.96 -0.17
C HIS A 55 -0.62 -23.59 -0.88
N TYR A 56 -0.69 -22.49 -0.14
CA TYR A 56 -0.72 -21.18 -0.80
C TYR A 56 0.65 -20.72 -1.30
N LEU A 57 1.71 -21.20 -0.66
CA LEU A 57 3.06 -20.91 -1.13
C LEU A 57 3.24 -21.50 -2.52
N TYR A 58 2.79 -22.74 -2.68
CA TYR A 58 2.82 -23.39 -3.98
C TYR A 58 2.00 -22.65 -5.03
N ALA A 59 0.75 -22.30 -4.65
CA ALA A 59 -0.17 -21.58 -5.55
C ALA A 59 0.49 -20.32 -6.10
N VAL A 60 1.12 -19.56 -5.22
CA VAL A 60 1.77 -18.31 -5.61
C VAL A 60 2.98 -18.59 -6.51
N LEU A 61 3.80 -19.57 -6.12
CA LEU A 61 5.04 -19.89 -6.85
C LEU A 61 4.72 -20.41 -8.27
N ARG A 62 3.68 -21.25 -8.35
CA ARG A 62 3.20 -21.80 -9.61
C ARG A 62 2.68 -20.73 -10.55
N ALA A 63 1.89 -19.79 -10.04
CA ALA A 63 1.39 -18.67 -10.86
C ALA A 63 2.51 -17.80 -11.45
N ALA A 64 3.59 -17.61 -10.68
CA ALA A 64 4.73 -16.78 -11.10
C ALA A 64 5.52 -17.48 -12.21
N ASN A 65 5.61 -18.81 -12.09
CA ASN A 65 6.23 -19.61 -13.11
C ASN A 65 5.38 -19.66 -14.38
N GLU A 66 4.05 -19.73 -14.21
CA GLU A 66 3.14 -19.93 -15.36
C GLU A 66 2.81 -18.69 -16.17
N ILE A 67 3.05 -17.51 -15.60
CA ILE A 67 2.83 -16.25 -16.30
C ILE A 67 4.20 -15.62 -16.56
N PRO A 68 4.67 -15.64 -17.83
CA PRO A 68 6.09 -15.38 -18.08
C PRO A 68 6.55 -13.97 -17.74
N GLU A 69 5.62 -13.01 -17.65
CA GLU A 69 5.97 -11.65 -17.29
C GLU A 69 6.56 -11.57 -15.87
N PHE A 70 6.24 -12.56 -15.05
CA PHE A 70 6.69 -12.64 -13.65
C PHE A 70 8.07 -13.30 -13.51
N ARG A 71 8.68 -13.65 -14.64
CA ARG A 71 9.99 -14.30 -14.67
C ARG A 71 11.08 -13.36 -15.16
N TYR A 72 10.67 -12.14 -15.55
CA TYR A 72 11.58 -11.13 -16.05
C TYR A 72 12.26 -10.42 -14.88
N ARG A 73 13.58 -10.23 -15.01
CA ARG A 73 14.41 -9.59 -14.00
C ARG A 73 15.41 -8.63 -14.65
N ILE A 74 15.86 -7.65 -13.87
CA ILE A 74 16.98 -6.83 -14.26
C ILE A 74 18.14 -7.51 -13.54
N ASP A 75 19.03 -8.15 -14.30
CA ASP A 75 20.16 -8.88 -13.72
C ASP A 75 21.22 -7.94 -13.08
N PRO A 76 22.16 -8.49 -12.28
CA PRO A 76 23.18 -7.66 -11.62
C PRO A 76 23.90 -6.69 -12.56
N ASP A 77 24.14 -7.11 -13.79
CA ASP A 77 24.81 -6.29 -14.80
C ASP A 77 23.88 -5.28 -15.48
N GLY A 78 22.63 -5.20 -15.01
CA GLY A 78 21.66 -4.25 -15.55
C GLY A 78 20.93 -4.71 -16.81
N ARG A 79 21.14 -5.95 -17.23
CA ARG A 79 20.46 -6.47 -18.42
C ARG A 79 19.12 -7.14 -18.09
N VAL A 80 18.12 -6.87 -18.93
CA VAL A 80 16.86 -7.57 -18.84
C VAL A 80 17.04 -9.03 -19.23
N VAL A 81 16.62 -9.92 -18.34
CA VAL A 81 16.70 -11.36 -18.52
C VAL A 81 15.36 -12.02 -18.20
N LEU A 82 15.15 -13.21 -18.75
CA LEU A 82 13.98 -14.00 -18.46
C LEU A 82 14.48 -15.34 -17.95
N TYR A 83 14.16 -15.70 -16.71
CA TYR A 83 14.56 -16.98 -16.10
C TYR A 83 13.63 -18.14 -16.55
N ASP A 84 14.18 -19.32 -16.80
CA ASP A 84 13.37 -20.48 -17.17
C ASP A 84 12.43 -20.77 -16.02
N THR A 85 12.97 -20.74 -14.81
CA THR A 85 12.27 -21.20 -13.62
C THR A 85 12.50 -20.23 -12.45
N ILE A 86 11.45 -20.08 -11.63
CA ILE A 86 11.43 -19.19 -10.48
C ILE A 86 11.25 -20.04 -9.23
N ASP A 87 12.15 -19.87 -8.27
CA ASP A 87 12.00 -20.51 -6.98
C ASP A 87 11.55 -19.52 -5.89
N LEU A 89 11.84 -17.80 -2.07
CA LEU A 89 12.41 -17.46 -0.77
C LEU A 89 11.27 -17.17 0.18
N SER A 90 11.41 -17.58 1.42
CA SER A 90 10.43 -17.24 2.40
C SER A 90 11.04 -17.18 3.81
N PRO A 91 10.70 -16.12 4.58
CA PRO A 91 11.13 -16.02 5.99
C PRO A 91 10.33 -16.95 6.94
N ILE A 92 10.90 -18.10 7.25
CA ILE A 92 10.30 -19.05 8.17
C ILE A 92 10.49 -18.62 9.62
N LYS A 93 9.38 -18.41 10.34
CA LYS A 93 9.44 -18.05 11.75
C LYS A 93 10.08 -19.21 12.54
N ILE A 94 11.13 -18.90 13.29
CA ILE A 94 11.88 -19.90 14.07
C ILE A 94 11.68 -19.76 15.60
N LYS A 95 11.27 -18.58 16.06
CA LYS A 95 11.05 -18.34 17.49
C LYS A 95 9.75 -17.58 17.73
N GLU A 96 9.20 -17.74 18.94
CA GLU A 96 7.91 -17.12 19.29
C GLU A 96 7.92 -15.60 19.42
N ASN A 97 9.11 -15.00 19.47
CA ASN A 97 9.28 -13.54 19.50
C ASN A 97 9.41 -12.94 18.09
N GLY A 98 9.17 -13.75 17.06
CA GLY A 98 9.18 -13.27 15.69
C GLY A 98 10.40 -13.59 14.86
N LYS A 99 11.49 -14.04 15.50
CA LYS A 99 12.69 -14.45 14.77
C LYS A 99 12.34 -15.42 13.68
N PHE A 100 12.91 -15.16 12.51
CA PHE A 100 12.67 -16.02 11.37
C PHE A 100 14.01 -16.31 10.74
N PHE A 101 14.05 -17.33 9.90
CA PHE A 101 15.19 -17.56 9.06
C PHE A 101 14.69 -17.71 7.62
N THR A 102 15.21 -16.87 6.72
CA THR A 102 14.84 -16.96 5.32
C THR A 102 15.54 -18.13 4.63
N THR A 103 14.76 -18.88 3.84
CA THR A 103 15.31 -20.03 3.11
C THR A 103 14.64 -20.24 1.74
N ARG A 104 15.30 -21.04 0.91
CA ARG A 104 14.89 -21.28 -0.49
C ARG A 104 14.09 -22.58 -0.68
N PHE A 105 13.01 -22.50 -1.46
CA PHE A 105 12.19 -23.66 -1.80
C PHE A 105 12.17 -23.79 -3.32
N PRO A 106 12.63 -24.94 -3.85
CA PRO A 106 12.60 -25.10 -5.32
C PRO A 106 11.18 -25.33 -5.82
N TYR A 107 10.86 -24.75 -6.97
CA TYR A 107 9.62 -25.08 -7.64
C TYR A 107 9.62 -26.51 -8.26
N HIS A 108 8.52 -27.23 -8.06
CA HIS A 108 8.25 -28.47 -8.79
C HIS A 108 6.84 -28.37 -9.34
N ASN A 109 6.64 -28.77 -10.60
CA ASN A 109 5.30 -28.69 -11.24
C ASN A 109 4.27 -29.66 -10.63
N ASP A 110 4.76 -30.66 -9.91
CA ASP A 110 3.91 -31.60 -9.19
C ASP A 110 3.82 -31.21 -7.71
N PHE A 111 2.61 -30.88 -7.25
CA PHE A 111 2.43 -30.43 -5.87
C PHE A 111 3.03 -31.35 -4.79
N ASP A 112 2.81 -32.66 -4.89
CA ASP A 112 3.29 -33.62 -3.90
C ASP A 112 4.81 -33.58 -3.77
N THR A 113 5.49 -33.45 -4.90
CA THR A 113 6.95 -33.33 -4.94
C THR A 113 7.38 -32.03 -4.29
N PHE A 114 6.74 -30.92 -4.68
CA PHE A 114 7.02 -29.62 -4.07
C PHE A 114 6.76 -29.69 -2.56
N TYR A 115 5.60 -30.21 -2.19
CA TYR A 115 5.19 -30.29 -0.80
C TYR A 115 6.22 -31.00 0.08
N GLN A 116 6.64 -32.19 -0.37
CA GLN A 116 7.51 -33.04 0.46
C GLN A 116 8.94 -32.49 0.51
N GLU A 117 9.44 -31.93 -0.59
CA GLU A 117 10.72 -31.20 -0.51
C GLU A 117 10.64 -29.97 0.41
N ALA A 118 9.52 -29.24 0.34
CA ALA A 118 9.27 -28.10 1.25
C ALA A 118 9.35 -28.49 2.71
N ARG A 119 8.71 -29.59 3.03
CA ARG A 119 8.62 -30.09 4.41
C ARG A 119 9.99 -30.47 4.97
N LEU A 120 10.79 -31.14 4.16
CA LEU A 120 12.15 -31.51 4.53
C LEU A 120 13.02 -30.28 4.78
N ILE A 121 12.92 -29.28 3.91
CA ILE A 121 13.61 -28.00 4.08
C ILE A 121 13.24 -27.33 5.42
N ILE A 122 11.93 -27.28 5.72
CA ILE A 122 11.46 -26.66 6.97
C ILE A 122 11.91 -27.41 8.24
N ASP A 123 11.86 -28.75 8.19
CA ASP A 123 12.41 -29.59 9.27
C ASP A 123 13.92 -29.37 9.48
N ALA A 124 14.66 -29.14 8.40
CA ALA A 124 16.10 -28.87 8.48
C ALA A 124 16.49 -27.42 8.89
N ILE A 125 15.52 -26.51 8.97
CA ILE A 125 15.81 -25.13 9.33
C ILE A 125 16.61 -25.01 10.65
N PRO A 126 17.71 -24.22 10.62
CA PRO A 126 18.57 -24.06 11.79
C PRO A 126 17.85 -23.39 12.97
N GLU A 127 18.23 -23.74 14.21
CA GLU A 127 17.57 -23.20 15.41
C GLU A 127 17.81 -21.71 15.53
N ASP A 128 19.01 -21.28 15.17
CA ASP A 128 19.38 -19.88 15.16
C ASP A 128 19.98 -19.64 13.80
N GLY A 129 20.10 -18.38 13.42
CA GLY A 129 20.59 -18.08 12.09
C GLY A 129 20.48 -16.63 11.76
N ASP A 130 21.13 -16.27 10.66
CA ASP A 130 21.11 -14.94 10.12
C ASP A 130 19.82 -14.81 9.30
N PRO A 131 18.88 -13.92 9.75
CA PRO A 131 17.58 -13.82 9.04
C PRO A 131 17.66 -13.50 7.53
N TYR A 132 18.73 -12.80 7.12
CA TYR A 132 18.94 -12.38 5.72
C TYR A 132 20.07 -13.07 4.93
N ALA A 133 20.71 -14.08 5.52
CA ALA A 133 21.76 -14.84 4.85
C ALA A 133 21.30 -15.35 3.49
N ALA A 134 20.13 -15.98 3.42
CA ALA A 134 19.63 -16.56 2.15
C ALA A 134 19.46 -15.52 1.05
N GLU A 135 18.95 -14.35 1.39
CA GLU A 135 18.83 -13.27 0.40
C GLU A 135 20.20 -12.74 -0.03
N ASN A 136 21.14 -12.59 0.90
CA ASN A 136 22.42 -12.01 0.53
C ASN A 136 23.27 -13.00 -0.28
N GLU A 137 23.02 -14.28 -0.04
CA GLU A 137 23.58 -15.35 -0.84
C GLU A 137 23.10 -15.29 -2.29
N GLU A 138 21.79 -15.14 -2.51
CA GLU A 138 21.27 -15.05 -3.86
C GLU A 138 21.77 -13.79 -4.60
N VAL A 139 21.84 -12.67 -3.89
CA VAL A 139 22.48 -11.46 -4.43
C VAL A 139 23.98 -11.69 -4.72
N ALA A 140 24.70 -12.33 -3.80
CA ALA A 140 26.11 -12.60 -4.07
C ALA A 140 26.28 -13.53 -5.29
N ASP A 141 25.37 -14.46 -5.46
CA ASP A 141 25.31 -15.34 -6.62
C ASP A 141 24.83 -14.72 -7.92
N GLY A 142 24.17 -13.57 -7.84
CA GLY A 142 23.50 -13.00 -9.01
C GLY A 142 22.29 -13.82 -9.46
N ASP A 143 21.67 -14.58 -8.56
CA ASP A 143 20.48 -15.35 -8.93
C ASP A 143 19.24 -14.58 -8.50
N TYR A 144 18.58 -13.94 -9.48
CA TYR A 144 17.34 -13.19 -9.21
C TYR A 144 16.11 -13.98 -9.67
N GLY A 145 16.32 -15.24 -10.05
CA GLY A 145 15.22 -16.08 -10.54
C GLY A 145 14.44 -16.64 -9.38
N LEU A 146 13.86 -15.72 -8.62
CA LEU A 146 13.19 -16.01 -7.35
C LEU A 146 12.04 -15.03 -7.12
N ILE A 147 11.09 -15.42 -6.26
CA ILE A 147 10.15 -14.47 -5.64
C ILE A 147 10.28 -14.72 -4.16
N LEU A 148 9.73 -13.83 -3.34
CA LEU A 148 9.85 -13.96 -1.88
C LEU A 148 8.51 -13.65 -1.27
N LEU A 149 8.06 -14.53 -0.38
CA LEU A 149 6.78 -14.35 0.24
C LEU A 149 6.94 -14.43 1.73
N SER A 150 6.38 -13.44 2.40
CA SER A 150 6.41 -13.37 3.85
C SER A 150 4.98 -13.57 4.41
N ALA A 151 4.78 -14.57 5.29
CA ALA A 151 3.45 -14.84 5.86
C ALA A 151 3.20 -14.12 7.16
N THR A 152 2.00 -13.55 7.31
CA THR A 152 1.58 -13.08 8.61
C THR A 152 0.21 -13.68 8.86
N PRO A 153 0.20 -14.95 9.32
CA PRO A 153 -1.02 -15.74 9.36
C PRO A 153 -2.04 -15.28 10.38
N ASP A 154 -1.62 -14.42 11.31
CA ASP A 154 -2.49 -13.87 12.36
C ASP A 154 -2.94 -12.42 12.09
N LEU A 155 -2.65 -11.91 10.89
CA LEU A 155 -3.01 -10.55 10.53
C LEU A 155 -3.74 -10.49 9.18
N TYR A 156 -4.95 -9.93 9.19
CA TYR A 156 -5.65 -9.58 7.95
C TYR A 156 -5.27 -8.12 7.67
N PHE A 157 -4.80 -7.85 6.45
CA PHE A 157 -4.41 -6.48 6.07
C PHE A 157 -5.09 -6.16 4.73
N THR A 158 -5.30 -4.87 4.46
CA THR A 158 -5.84 -4.48 3.18
C THR A 158 -4.77 -3.89 2.26
N SER A 159 -3.59 -3.63 2.84
CA SER A 159 -2.48 -3.07 2.11
C SER A 159 -1.15 -3.38 2.81
N ILE A 160 -0.18 -3.87 2.03
CA ILE A 160 1.24 -3.81 2.42
C ILE A 160 2.01 -3.35 1.18
N THR A 161 2.79 -2.28 1.32
CA THR A 161 3.67 -1.87 0.24
C THR A 161 5.08 -2.40 0.48
N GLY A 162 5.82 -2.66 -0.59
CA GLY A 162 7.18 -3.11 -0.43
C GLY A 162 8.18 -1.99 -0.23
N THR A 163 9.30 -2.38 0.37
CA THR A 163 10.53 -1.58 0.38
C THR A 163 11.10 -1.44 -1.06
N GLN A 164 12.07 -0.58 -1.23
CA GLN A 164 12.73 -0.46 -2.50
C GLN A 164 14.26 -0.34 -2.25
N GLU A 165 15.03 -1.32 -2.69
CA GLU A 165 16.46 -1.30 -2.44
C GLU A 165 17.22 -0.18 -3.17
N LYS A 166 16.95 -0.08 -4.47
CA LYS A 166 17.70 0.77 -5.38
C LYS A 166 16.75 1.40 -6.40
N ARG A 167 17.27 2.36 -7.16
CA ARG A 167 16.52 3.08 -8.17
C ARG A 167 15.86 2.23 -9.25
N SER A 168 16.55 1.20 -9.75
CA SER A 168 15.98 0.30 -10.76
C SER A 168 14.95 -0.66 -10.17
N GLY A 169 14.81 -0.63 -8.84
CA GLY A 169 13.82 -1.45 -8.14
C GLY A 169 14.44 -2.63 -7.39
N ASN A 170 13.62 -3.37 -6.64
CA ASN A 170 14.11 -4.60 -6.00
C ASN A 170 14.61 -5.61 -7.01
N ASN A 171 15.55 -6.48 -6.60
CA ASN A 171 16.06 -7.54 -7.47
C ASN A 171 14.98 -8.53 -7.95
N TYR A 172 14.00 -8.82 -7.09
CA TYR A 172 12.86 -9.69 -7.44
C TYR A 172 11.55 -9.26 -6.74
N PRO A 173 10.41 -9.77 -7.21
CA PRO A 173 9.08 -9.55 -6.56
C PRO A 173 9.05 -9.97 -5.10
N LEU A 174 8.43 -9.12 -4.28
CA LEU A 174 8.25 -9.29 -2.87
C LEU A 174 6.74 -9.40 -2.60
N LEU A 175 6.34 -10.42 -1.83
CA LEU A 175 4.93 -10.70 -1.57
C LEU A 175 4.70 -10.88 -0.08
N ASN A 176 3.45 -10.69 0.32
CA ASN A 176 2.98 -10.86 1.67
C ASN A 176 1.66 -11.57 1.64
N ALA A 177 1.51 -12.55 2.52
CA ALA A 177 0.27 -13.29 2.67
C ALA A 177 -0.25 -12.96 4.07
N GLY A 178 -1.56 -12.83 4.21
CA GLY A 178 -2.14 -12.52 5.51
C GLY A 178 -3.08 -13.58 5.98
N LYS A 179 -3.81 -13.27 7.03
CA LYS A 179 -4.78 -14.18 7.66
C LYS A 179 -5.94 -14.63 6.76
N ALA A 180 -6.26 -15.92 6.81
CA ALA A 180 -7.43 -16.50 6.13
C ALA A 180 -8.65 -16.35 7.04
N ILE A 181 -9.70 -15.81 6.46
CA ILE A 181 -10.80 -15.29 7.23
C ILE A 181 -12.12 -15.53 6.48
N ILE A 182 -13.16 -15.86 7.21
CA ILE A 182 -14.50 -16.02 6.63
C ILE A 182 -15.15 -14.66 6.36
N ARG A 183 -15.42 -14.40 5.09
CA ARG A 183 -16.14 -13.20 4.65
C ARG A 183 -17.34 -13.61 3.78
N GLU A 184 -18.52 -13.26 4.28
CA GLU A 184 -19.81 -13.66 3.68
C GLU A 184 -19.85 -15.17 3.38
N GLY A 185 -19.52 -15.96 4.41
CA GLY A 185 -19.53 -17.42 4.31
C GLY A 185 -18.40 -18.11 3.54
N ARG A 186 -17.44 -17.33 2.99
CA ARG A 186 -16.30 -17.88 2.22
C ARG A 186 -14.94 -17.52 2.84
N LEU A 187 -14.03 -18.49 2.81
CA LEU A 187 -12.69 -18.28 3.31
C LEU A 187 -11.87 -17.52 2.28
N VAL A 188 -11.34 -16.37 2.69
CA VAL A 188 -10.52 -15.49 1.85
C VAL A 188 -9.25 -15.07 2.62
N PRO A 190 -5.66 -12.20 2.25
CA PRO A 190 -5.05 -11.15 1.42
C PRO A 190 -3.62 -11.49 0.95
N ILE A 191 -3.30 -11.04 -0.27
CA ILE A 191 -1.96 -11.20 -0.81
C ILE A 191 -1.55 -9.89 -1.45
N ALA A 192 -0.45 -9.34 -0.96
CA ALA A 192 0.14 -8.11 -1.42
C ALA A 192 1.37 -8.47 -2.25
N THR A 194 4.82 -6.48 -4.71
CA THR A 194 5.54 -5.35 -5.29
C THR A 194 6.32 -5.83 -6.51
N ILE A 195 6.00 -5.25 -7.67
CA ILE A 195 6.59 -5.69 -8.91
C ILE A 195 7.20 -4.49 -9.64
N HIS A 196 7.99 -4.75 -10.69
CA HIS A 196 8.53 -3.66 -11.50
C HIS A 196 7.52 -3.41 -12.63
N HIS A 197 7.03 -2.18 -12.75
CA HIS A 197 6.01 -1.87 -13.75
C HIS A 197 6.52 -2.03 -15.21
N GLY A 198 7.84 -1.99 -15.41
CA GLY A 198 8.45 -2.24 -16.72
C GLY A 198 8.13 -3.62 -17.26
N PHE A 199 7.87 -4.57 -16.36
CA PHE A 199 7.62 -5.97 -16.72
C PHE A 199 6.17 -6.41 -16.62
N ILE A 200 5.39 -5.72 -15.79
CA ILE A 200 4.08 -6.19 -15.38
C ILE A 200 3.10 -5.02 -15.37
N ASP A 201 1.95 -5.20 -16.04
CA ASP A 201 0.84 -4.25 -15.98
C ASP A 201 -0.34 -4.85 -15.22
N GLY A 202 -1.38 -4.02 -15.02
CA GLY A 202 -2.61 -4.45 -14.38
C GLY A 202 -3.11 -5.77 -14.89
N HIS A 203 -3.00 -5.94 -16.21
CA HIS A 203 -3.49 -7.12 -16.92
C HIS A 203 -2.81 -8.42 -16.45
N HIS A 204 -1.51 -8.35 -16.19
CA HIS A 204 -0.77 -9.53 -15.72
C HIS A 204 -1.04 -9.81 -14.25
N LEU A 205 -1.27 -8.74 -13.50
CA LEU A 205 -1.66 -8.86 -12.10
C LEU A 205 -3.03 -9.53 -11.96
N SER A 206 -3.96 -9.14 -12.84
CA SER A 206 -5.28 -9.77 -12.94
C SER A 206 -5.17 -11.29 -13.13
N LEU A 207 -4.37 -11.71 -14.12
CA LEU A 207 -4.13 -13.14 -14.38
C LEU A 207 -3.41 -13.84 -13.27
N PHE A 208 -2.44 -13.17 -12.65
CA PHE A 208 -1.76 -13.73 -11.46
C PHE A 208 -2.76 -14.11 -10.35
N TYR A 209 -3.54 -13.14 -9.90
CA TYR A 209 -4.52 -13.37 -8.84
C TYR A 209 -5.62 -14.39 -9.22
N LYS A 210 -6.14 -14.29 -10.45
CA LYS A 210 -7.07 -15.29 -10.98
C LYS A 210 -6.44 -16.68 -10.84
N LYS A 211 -5.21 -16.81 -11.32
CA LYS A 211 -4.46 -18.07 -11.26
C LYS A 211 -4.23 -18.60 -9.83
N VAL A 212 -3.78 -17.75 -8.91
CA VAL A 212 -3.63 -18.17 -7.50
C VAL A 212 -4.95 -18.65 -6.89
N GLU A 213 -6.02 -17.88 -7.09
CA GLU A 213 -7.33 -18.25 -6.56
C GLU A 213 -7.83 -19.60 -7.11
N ASP A 214 -7.71 -19.81 -8.43
CA ASP A 214 -8.04 -21.10 -9.04
C ASP A 214 -7.41 -22.29 -8.32
N PHE A 215 -6.14 -22.18 -7.90
CA PHE A 215 -5.46 -23.28 -7.21
C PHE A 215 -5.99 -23.46 -5.79
N LEU A 216 -6.52 -22.39 -5.21
CA LEU A 216 -6.91 -22.37 -3.79
C LEU A 216 -8.42 -22.61 -3.45
N LYS A 217 -9.34 -22.21 -4.35
CA LYS A 217 -10.69 -22.90 -4.54
C LYS A 217 -11.75 -22.81 -3.42
N SER B 1 17.25 13.71 25.28
CA SER B 1 17.34 14.65 26.44
C SER B 1 16.21 15.69 26.39
N ASN B 2 15.45 15.78 27.48
CA ASN B 2 15.71 15.00 28.70
C ASN B 2 14.93 13.70 28.65
N ALA B 3 14.96 13.05 27.49
CA ALA B 3 14.23 11.82 27.28
C ALA B 3 15.00 10.66 27.87
N LYS B 5 16.21 7.54 27.04
CA LYS B 5 16.54 6.93 25.72
C LYS B 5 17.91 6.22 25.70
N GLN B 6 18.09 5.28 24.77
CA GLN B 6 19.30 4.48 24.69
C GLN B 6 19.93 4.54 23.29
N ILE B 7 21.22 4.90 23.19
CA ILE B 7 21.97 4.73 21.93
C ILE B 7 22.26 3.24 21.74
N ILE B 8 21.65 2.62 20.73
CA ILE B 8 21.78 1.17 20.51
C ILE B 8 23.18 0.77 20.00
N ASP B 9 23.67 -0.31 20.59
CA ASP B 9 24.95 -0.90 20.20
C ASP B 9 24.62 -1.89 19.11
N ILE B 10 24.76 -1.45 17.87
CA ILE B 10 24.29 -2.21 16.71
C ILE B 10 24.94 -3.60 16.59
N GLU B 11 26.26 -3.67 16.81
CA GLU B 11 27.00 -4.95 16.76
C GLU B 11 26.48 -6.03 17.69
N ASN B 12 25.91 -5.63 18.81
CA ASN B 12 25.42 -6.60 19.78
C ASN B 12 23.89 -6.67 19.89
N TRP B 13 23.22 -6.02 18.95
CA TRP B 13 21.79 -5.85 18.97
C TRP B 13 21.17 -7.07 18.32
N GLU B 14 20.06 -7.55 18.88
CA GLU B 14 19.32 -8.66 18.29
C GLU B 14 18.81 -8.35 16.85
N ARG B 15 18.69 -7.08 16.51
CA ARG B 15 18.23 -6.72 15.14
C ARG B 15 19.34 -6.25 14.20
N LYS B 16 20.62 -6.44 14.59
CA LYS B 16 21.79 -6.08 13.77
C LYS B 16 21.64 -6.43 12.28
N GLU B 17 21.42 -7.69 11.97
CA GLU B 17 21.31 -8.09 10.58
C GLU B 17 20.02 -7.63 9.87
N ASN B 18 18.90 -7.56 10.61
CA ASN B 18 17.65 -6.97 10.13
C ASN B 18 17.83 -5.50 9.73
N PHE B 19 18.33 -4.69 10.66
CA PHE B 19 18.54 -3.29 10.42
C PHE B 19 19.57 -3.05 9.34
N ASN B 20 20.71 -3.75 9.41
CA ASN B 20 21.77 -3.59 8.42
C ASN B 20 21.35 -3.96 6.98
N PHE B 21 20.42 -4.90 6.83
CA PHE B 21 19.82 -5.24 5.55
C PHE B 21 19.09 -4.06 4.90
N PHE B 22 18.24 -3.39 5.66
CA PHE B 22 17.44 -2.28 5.14
C PHE B 22 18.08 -0.89 5.09
N ARG B 23 19.13 -0.68 5.88
CA ARG B 23 19.54 0.68 6.22
C ARG B 23 20.14 1.52 5.07
N HIS B 24 20.72 0.88 4.06
CA HIS B 24 21.21 1.57 2.85
C HIS B 24 20.13 1.68 1.71
N PHE B 25 18.92 1.17 1.95
CA PHE B 25 17.89 1.13 0.89
C PHE B 25 17.38 2.53 0.51
N GLN B 26 17.10 2.73 -0.78
CA GLN B 26 16.39 3.93 -1.26
C GLN B 26 15.09 4.19 -0.47
N ASN B 27 14.34 3.10 -0.23
CA ASN B 27 13.15 3.14 0.61
C ASN B 27 13.15 1.94 1.57
N PRO B 28 13.58 2.18 2.83
CA PRO B 28 13.59 1.12 3.88
C PRO B 28 12.23 1.01 4.62
N GLN B 29 11.24 1.79 4.20
CA GLN B 29 9.92 1.82 4.85
C GLN B 29 8.90 0.87 4.23
N LEU B 30 7.91 0.54 5.04
CA LEU B 30 6.75 -0.14 4.52
C LEU B 30 5.48 0.48 5.06
N SER B 31 4.42 0.45 4.26
CA SER B 31 3.09 0.90 4.64
C SER B 31 2.14 -0.26 4.74
N ILE B 32 1.31 -0.18 5.76
CA ILE B 32 0.34 -1.21 6.00
C ILE B 32 -0.96 -0.54 6.39
N THR B 33 -2.05 -1.15 5.95
CA THR B 33 -3.38 -0.81 6.45
C THR B 33 -4.05 -2.09 6.89
N SER B 34 -4.76 -2.01 8.01
CA SER B 34 -5.57 -3.12 8.48
C SER B 34 -6.76 -2.54 9.21
N GLU B 35 -7.83 -3.34 9.35
CA GLU B 35 -9.03 -2.91 10.04
C GLU B 35 -9.12 -3.49 11.45
N VAL B 36 -9.54 -2.66 12.40
CA VAL B 36 -9.68 -3.15 13.78
C VAL B 36 -11.14 -2.99 14.23
N GLU B 37 -11.68 -3.99 14.91
CA GLU B 37 -12.98 -3.80 15.54
C GLU B 37 -12.89 -2.77 16.66
N CYS B 38 -13.94 -1.97 16.80
CA CYS B 38 -13.98 -0.81 17.67
C CYS B 38 -15.42 -0.51 18.15
N GLY B 39 -16.34 -1.46 18.00
CA GLY B 39 -17.70 -1.35 18.56
C GLY B 39 -17.78 -1.09 20.07
N GLY B 40 -16.98 -1.81 20.85
CA GLY B 40 -16.95 -1.64 22.31
C GLY B 40 -16.61 -0.22 22.74
N ALA B 41 -15.46 0.26 22.28
CA ALA B 41 -14.99 1.61 22.52
C ALA B 41 -15.97 2.73 22.06
N ARG B 42 -16.57 2.54 20.88
CA ARG B 42 -17.57 3.49 20.37
C ARG B 42 -18.73 3.62 21.38
N GLN B 43 -19.26 2.45 21.77
CA GLN B 43 -20.25 2.29 22.84
C GLN B 43 -19.82 2.92 24.18
N ARG B 44 -18.68 2.51 24.72
CA ARG B 44 -18.18 3.05 26.00
C ARG B 44 -17.96 4.55 25.95
N ALA B 45 -17.50 5.06 24.82
CA ALA B 45 -17.29 6.49 24.67
C ALA B 45 -18.61 7.21 24.67
N LYS B 46 -19.60 6.62 24.00
CA LYS B 46 -20.96 7.16 23.93
C LYS B 46 -21.59 7.24 25.32
N ALA B 47 -21.61 6.10 26.02
CA ALA B 47 -22.13 5.99 27.38
C ALA B 47 -21.53 6.99 28.39
N ALA B 48 -20.27 7.38 28.17
CA ALA B 48 -19.56 8.24 29.12
C ALA B 48 -19.38 9.66 28.59
N GLY B 49 -20.06 9.98 27.50
CA GLY B 49 -19.97 11.32 26.91
C GLY B 49 -18.57 11.74 26.49
N GLN B 50 -17.73 10.75 26.19
CA GLN B 50 -16.34 10.99 25.82
C GLN B 50 -16.07 11.07 24.32
N SER B 51 -14.88 11.57 23.98
CA SER B 51 -14.41 11.57 22.60
C SER B 51 -13.95 10.16 22.20
N PHE B 52 -14.53 9.65 21.11
CA PHE B 52 -14.20 8.33 20.62
C PHE B 52 -12.81 8.37 19.99
N PHE B 53 -12.54 9.46 19.29
CA PHE B 53 -11.23 9.79 18.77
C PHE B 53 -10.13 9.49 19.78
N LEU B 54 -10.33 9.94 21.02
CA LEU B 54 -9.31 9.82 22.06
C LEU B 54 -9.12 8.38 22.55
N HIS B 55 -10.18 7.58 22.49
CA HIS B 55 -10.14 6.15 22.76
C HIS B 55 -9.22 5.41 21.81
N TYR B 56 -9.43 5.59 20.51
CA TYR B 56 -8.57 4.89 19.53
C TYR B 56 -7.17 5.51 19.45
N LEU B 57 -7.07 6.81 19.74
CA LEU B 57 -5.79 7.51 19.78
C LEU B 57 -4.97 6.90 20.88
N TYR B 58 -5.64 6.62 22.00
CA TYR B 58 -4.99 6.01 23.15
C TYR B 58 -4.61 4.58 22.83
N ALA B 59 -5.52 3.81 22.22
CA ALA B 59 -5.22 2.40 21.89
C ALA B 59 -3.96 2.24 21.05
N VAL B 60 -3.80 3.15 20.09
CA VAL B 60 -2.66 3.24 19.21
C VAL B 60 -1.37 3.60 19.99
N LEU B 61 -1.45 4.62 20.82
CA LEU B 61 -0.27 5.04 21.58
C LEU B 61 0.15 3.96 22.57
N ARG B 62 -0.84 3.33 23.17
CA ARG B 62 -0.56 2.29 24.12
C ARG B 62 0.09 1.09 23.41
N ALA B 63 -0.49 0.65 22.29
CA ALA B 63 0.13 -0.44 21.52
C ALA B 63 1.61 -0.17 21.16
N ALA B 64 1.92 1.04 20.69
CA ALA B 64 3.29 1.45 20.32
C ALA B 64 4.24 1.47 21.51
N ASN B 65 3.73 1.91 22.66
CA ASN B 65 4.53 1.90 23.89
C ASN B 65 4.90 0.51 24.36
N GLU B 66 3.95 -0.42 24.25
CA GLU B 66 4.09 -1.82 24.69
C GLU B 66 4.92 -2.73 23.81
N ILE B 67 5.19 -2.29 22.58
CA ILE B 67 5.98 -3.10 21.65
C ILE B 67 7.24 -2.30 21.41
N PRO B 68 8.38 -2.77 21.96
CA PRO B 68 9.62 -1.95 21.91
C PRO B 68 10.05 -1.59 20.49
N GLU B 69 9.80 -2.46 19.52
CA GLU B 69 10.16 -2.19 18.13
C GLU B 69 9.60 -0.88 17.56
N PHE B 70 8.45 -0.47 18.07
CA PHE B 70 7.80 0.78 17.68
C PHE B 70 8.39 2.01 18.32
N ARG B 71 9.52 1.85 19.03
CA ARG B 71 10.12 2.95 19.81
C ARG B 71 11.56 3.25 19.36
N TYR B 72 12.04 2.49 18.38
CA TYR B 72 13.35 2.67 17.76
C TYR B 72 13.25 3.75 16.73
N ARG B 73 14.24 4.66 16.78
CA ARG B 73 14.33 5.78 15.88
C ARG B 73 15.77 5.92 15.44
N ILE B 74 15.96 6.64 14.33
CA ILE B 74 17.28 7.00 13.83
C ILE B 74 17.43 8.47 14.22
N ASP B 75 18.38 8.77 15.10
CA ASP B 75 18.55 10.14 15.58
C ASP B 75 19.13 11.05 14.46
N PRO B 76 19.21 12.39 14.69
CA PRO B 76 19.76 13.28 13.67
C PRO B 76 21.17 12.92 13.17
N ASP B 77 21.98 12.27 14.01
CA ASP B 77 23.32 11.88 13.59
C ASP B 77 23.39 10.52 12.95
N GLY B 78 22.24 9.91 12.66
CA GLY B 78 22.19 8.59 12.00
C GLY B 78 22.30 7.41 12.95
N ARG B 79 22.26 7.67 14.25
CA ARG B 79 22.41 6.60 15.23
C ARG B 79 21.03 6.02 15.59
N VAL B 80 20.94 4.70 15.73
CA VAL B 80 19.74 4.05 16.28
C VAL B 80 19.57 4.41 17.77
N VAL B 81 18.40 4.95 18.10
CA VAL B 81 18.02 5.18 19.49
C VAL B 81 16.73 4.47 19.83
N LEU B 82 16.67 3.94 21.05
CA LEU B 82 15.46 3.37 21.59
C LEU B 82 14.92 4.31 22.67
N TYR B 83 13.69 4.81 22.47
CA TYR B 83 13.04 5.62 23.51
C TYR B 83 12.33 4.71 24.43
N ASP B 84 12.55 4.91 25.72
CA ASP B 84 11.81 4.18 26.74
C ASP B 84 10.27 4.37 26.63
N THR B 85 9.87 5.58 26.27
CA THR B 85 8.49 6.00 26.22
C THR B 85 8.34 6.91 25.00
N ILE B 86 7.13 6.96 24.47
CA ILE B 86 6.81 7.65 23.23
C ILE B 86 5.50 8.45 23.43
N ASP B 87 5.45 9.71 22.99
CA ASP B 87 4.16 10.43 22.96
C ASP B 87 3.54 10.48 21.57
N LEU B 89 1.64 12.77 18.56
CA LEU B 89 1.24 13.98 17.85
C LEU B 89 -0.04 13.72 17.05
N SER B 90 -0.90 14.72 17.00
CA SER B 90 -2.12 14.63 16.18
C SER B 90 -2.62 16.02 15.75
N PRO B 91 -2.84 16.23 14.44
CA PRO B 91 -3.44 17.48 13.99
C PRO B 91 -4.89 17.61 14.45
N ILE B 92 -5.16 18.66 15.24
CA ILE B 92 -6.45 18.84 15.90
C ILE B 92 -7.22 20.01 15.29
N PHE B 100 -5.80 23.27 11.56
CA PHE B 100 -5.18 22.19 12.34
C PHE B 100 -3.99 22.64 13.19
N PHE B 101 -4.03 22.32 14.48
CA PHE B 101 -2.85 22.44 15.32
C PHE B 101 -2.34 21.03 15.60
N THR B 102 -1.12 20.72 15.16
CA THR B 102 -0.48 19.46 15.50
C THR B 102 -0.14 19.51 16.99
N THR B 103 -0.85 18.71 17.79
CA THR B 103 -0.73 18.84 19.22
C THR B 103 -0.16 17.58 19.88
N ARG B 104 0.67 17.79 20.90
CA ARG B 104 1.31 16.72 21.63
C ARG B 104 0.40 16.17 22.73
N PHE B 105 0.29 14.85 22.81
CA PHE B 105 -0.42 14.17 23.88
C PHE B 105 0.53 13.21 24.58
N PRO B 106 0.92 13.53 25.85
CA PRO B 106 1.81 12.67 26.64
C PRO B 106 1.17 11.34 26.97
N TYR B 107 1.96 10.30 26.91
CA TYR B 107 1.47 8.98 27.26
C TYR B 107 1.36 8.80 28.77
N HIS B 108 0.28 8.16 29.20
CA HIS B 108 0.16 7.61 30.55
C HIS B 108 -0.34 6.19 30.43
N ASN B 109 0.21 5.31 31.26
CA ASN B 109 -0.24 3.92 31.34
C ASN B 109 -1.72 3.76 31.65
N ASP B 110 -2.30 4.73 32.34
CA ASP B 110 -3.68 4.63 32.73
C ASP B 110 -4.54 5.41 31.74
N PHE B 111 -5.55 4.75 31.18
CA PHE B 111 -6.43 5.41 30.22
C PHE B 111 -7.10 6.68 30.74
N ASP B 112 -7.78 6.58 31.88
CA ASP B 112 -8.53 7.71 32.44
C ASP B 112 -7.65 8.93 32.67
N THR B 113 -6.42 8.71 33.16
CA THR B 113 -5.41 9.78 33.29
C THR B 113 -5.05 10.39 31.93
N PHE B 114 -4.79 9.53 30.94
CA PHE B 114 -4.48 9.99 29.60
C PHE B 114 -5.64 10.80 29.07
N TYR B 115 -6.86 10.28 29.21
CA TYR B 115 -8.06 10.96 28.75
C TYR B 115 -8.18 12.38 29.31
N GLN B 116 -8.14 12.47 30.65
CA GLN B 116 -8.26 13.73 31.38
C GLN B 116 -7.26 14.75 30.89
N GLU B 117 -5.98 14.37 30.78
CA GLU B 117 -4.96 15.32 30.37
C GLU B 117 -5.14 15.75 28.93
N ALA B 118 -5.53 14.80 28.08
CA ALA B 118 -5.73 15.05 26.65
C ALA B 118 -6.82 16.10 26.42
N ARG B 119 -7.96 15.90 27.07
CA ARG B 119 -9.08 16.85 27.05
C ARG B 119 -8.70 18.28 27.48
N LEU B 120 -7.95 18.39 28.58
CA LEU B 120 -7.42 19.69 29.00
C LEU B 120 -6.50 20.28 27.93
N ILE B 121 -5.59 19.45 27.37
CA ILE B 121 -4.64 19.93 26.32
C ILE B 121 -5.38 20.48 25.10
N ILE B 122 -6.44 19.80 24.68
CA ILE B 122 -7.25 20.22 23.54
C ILE B 122 -7.99 21.52 23.86
N ASP B 123 -8.41 21.67 25.11
CA ASP B 123 -9.12 22.88 25.54
C ASP B 123 -8.19 24.10 25.74
N ALA B 124 -7.07 24.16 25.01
CA ALA B 124 -6.04 25.17 25.24
C ALA B 124 -5.26 25.55 23.98
N GLY B 142 15.34 17.67 17.58
CA GLY B 142 15.43 16.24 17.20
C GLY B 142 14.80 15.28 18.21
N ASP B 143 13.65 15.65 18.75
CA ASP B 143 12.86 14.72 19.56
C ASP B 143 11.99 13.82 18.66
N TYR B 144 12.39 12.55 18.53
CA TYR B 144 11.65 11.60 17.71
C TYR B 144 10.95 10.55 18.56
N GLY B 145 10.83 10.83 19.87
CA GLY B 145 10.07 10.00 20.81
C GLY B 145 8.57 10.22 20.66
N LEU B 146 8.07 9.95 19.46
CA LEU B 146 6.77 10.38 19.01
C LEU B 146 6.26 9.39 17.96
N ILE B 147 4.93 9.29 17.85
CA ILE B 147 4.27 8.88 16.62
C ILE B 147 3.25 9.99 16.32
N LEU B 148 2.83 10.04 15.07
CA LEU B 148 1.84 11.00 14.66
C LEU B 148 0.70 10.22 13.99
N LEU B 149 -0.51 10.47 14.47
CA LEU B 149 -1.72 9.93 13.89
C LEU B 149 -2.61 11.05 13.37
N SER B 150 -3.03 10.90 12.12
CA SER B 150 -3.91 11.84 11.46
C SER B 150 -5.25 11.12 11.23
N ALA B 151 -6.30 11.66 11.83
CA ALA B 151 -7.63 11.05 11.76
C ALA B 151 -8.46 11.77 10.72
N THR B 152 -9.12 11.01 9.85
CA THR B 152 -10.09 11.59 8.94
C THR B 152 -11.35 10.74 9.05
N PRO B 153 -12.16 10.97 10.13
CA PRO B 153 -13.29 10.10 10.51
C PRO B 153 -14.45 10.01 9.52
N ASP B 154 -14.48 10.92 8.56
CA ASP B 154 -15.46 10.84 7.50
C ASP B 154 -14.90 10.35 6.18
N LEU B 155 -13.68 9.82 6.22
CA LEU B 155 -13.03 9.24 5.05
C LEU B 155 -12.92 7.75 5.23
N TYR B 156 -13.71 6.98 4.49
CA TYR B 156 -13.46 5.54 4.44
C TYR B 156 -12.38 5.23 3.41
N PHE B 157 -11.43 4.37 3.79
CA PHE B 157 -10.37 3.92 2.92
C PHE B 157 -9.99 2.50 3.24
N THR B 158 -9.43 1.79 2.28
CA THR B 158 -8.91 0.47 2.49
C THR B 158 -7.39 0.49 2.46
N SER B 159 -6.83 1.63 2.05
CA SER B 159 -5.39 1.77 1.92
C SER B 159 -4.96 3.25 1.94
N ILE B 160 -3.95 3.57 2.75
CA ILE B 160 -3.22 4.81 2.59
C ILE B 160 -1.74 4.47 2.71
N THR B 161 -0.94 4.91 1.74
CA THR B 161 0.49 4.78 1.92
C THR B 161 1.05 6.15 2.08
N GLY B 162 1.95 6.28 3.05
CA GLY B 162 2.49 7.57 3.42
C GLY B 162 3.67 8.04 2.61
N THR B 163 4.05 9.28 2.89
CA THR B 163 5.17 9.94 2.24
C THR B 163 6.53 9.45 2.83
N GLN B 164 7.60 9.97 2.25
CA GLN B 164 8.93 9.68 2.73
C GLN B 164 9.79 10.92 2.63
N GLU B 165 10.17 11.44 3.79
CA GLU B 165 10.91 12.68 3.86
C GLU B 165 12.35 12.54 3.33
N LYS B 166 13.09 11.61 3.89
CA LYS B 166 14.46 11.39 3.43
C LYS B 166 14.72 9.94 3.12
N ARG B 167 15.88 9.67 2.52
CA ARG B 167 16.28 8.33 2.14
C ARG B 167 16.19 7.38 3.33
N SER B 168 16.59 7.83 4.51
CA SER B 168 16.58 6.95 5.67
C SER B 168 15.18 6.73 6.24
N GLY B 169 14.19 7.43 5.68
CA GLY B 169 12.80 7.30 6.07
C GLY B 169 12.33 8.50 6.86
N ASN B 170 11.07 8.48 7.27
CA ASN B 170 10.55 9.48 8.19
C ASN B 170 11.22 9.42 9.56
N ASN B 171 11.08 10.50 10.31
CA ASN B 171 11.68 10.60 11.63
C ASN B 171 11.00 9.70 12.63
N TYR B 172 9.69 9.53 12.47
CA TYR B 172 8.93 8.62 13.32
C TYR B 172 7.72 8.04 12.54
N PRO B 173 7.11 6.95 13.05
CA PRO B 173 5.91 6.39 12.41
C PRO B 173 4.79 7.41 12.16
N LEU B 174 4.26 7.38 10.94
CA LEU B 174 3.09 8.21 10.58
C LEU B 174 1.88 7.31 10.42
N LEU B 175 0.75 7.69 11.04
CA LEU B 175 -0.46 6.89 10.94
C LEU B 175 -1.67 7.71 10.45
N ASN B 176 -2.66 7.00 9.92
CA ASN B 176 -3.89 7.59 9.41
C ASN B 176 -4.98 6.69 9.90
N ALA B 177 -5.99 7.29 10.52
CA ALA B 177 -7.21 6.58 10.95
C ALA B 177 -8.37 7.05 10.06
N GLY B 178 -9.22 6.12 9.65
CA GLY B 178 -10.35 6.43 8.80
C GLY B 178 -11.68 6.22 9.49
N LYS B 179 -12.74 6.24 8.68
CA LYS B 179 -14.11 6.19 9.13
C LYS B 179 -14.46 4.83 9.71
N ALA B 180 -15.12 4.84 10.86
CA ALA B 180 -15.69 3.63 11.45
C ALA B 180 -16.93 3.16 10.62
N ILE B 181 -16.94 1.88 10.24
CA ILE B 181 -17.84 1.35 9.24
C ILE B 181 -18.29 -0.03 9.71
N ILE B 182 -19.54 -0.42 9.43
CA ILE B 182 -20.03 -1.74 9.85
C ILE B 182 -19.74 -2.74 8.77
N ARG B 183 -19.07 -3.83 9.13
CA ARG B 183 -18.80 -4.91 8.20
C ARG B 183 -19.25 -6.21 8.82
N GLU B 184 -20.29 -6.79 8.22
CA GLU B 184 -20.92 -8.03 8.68
C GLU B 184 -21.32 -7.92 10.16
N GLY B 185 -22.00 -6.82 10.48
CA GLY B 185 -22.52 -6.59 11.81
C GLY B 185 -21.54 -6.04 12.84
N ARG B 186 -20.26 -5.92 12.50
CA ARG B 186 -19.24 -5.41 13.43
C ARG B 186 -18.75 -4.05 12.99
N LEU B 187 -18.67 -3.10 13.91
CA LEU B 187 -18.03 -1.81 13.64
C LEU B 187 -16.50 -2.00 13.55
N VAL B 188 -15.94 -1.62 12.40
CA VAL B 188 -14.51 -1.73 12.17
C VAL B 188 -14.01 -0.38 11.69
N PRO B 190 -10.28 1.44 9.67
CA PRO B 190 -8.95 1.22 9.08
C PRO B 190 -7.91 2.10 9.76
N ILE B 191 -6.75 1.51 10.02
CA ILE B 191 -5.60 2.27 10.53
C ILE B 191 -4.43 1.92 9.62
N ALA B 192 -3.88 2.94 8.96
CA ALA B 192 -2.73 2.79 8.07
C ALA B 192 -1.53 3.29 8.83
N THR B 194 3.09 3.86 8.33
CA THR B 194 4.36 3.76 7.64
C THR B 194 5.48 3.57 8.67
N ILE B 195 6.28 2.50 8.50
CA ILE B 195 7.33 2.18 9.48
C ILE B 195 8.65 1.86 8.79
N HIS B 196 9.75 1.78 9.56
CA HIS B 196 11.07 1.36 9.03
C HIS B 196 11.19 -0.17 9.23
N HIS B 197 11.42 -0.88 8.13
CA HIS B 197 11.50 -2.32 8.15
C HIS B 197 12.72 -2.82 8.96
N GLY B 198 13.72 -1.95 9.12
CA GLY B 198 14.84 -2.23 10.01
C GLY B 198 14.44 -2.44 11.45
N PHE B 199 13.30 -1.84 11.86
CA PHE B 199 12.86 -1.88 13.25
C PHE B 199 11.70 -2.83 13.45
N ILE B 200 10.88 -3.03 12.42
CA ILE B 200 9.58 -3.66 12.55
C ILE B 200 9.30 -4.69 11.44
N ASP B 201 8.94 -5.91 11.84
CA ASP B 201 8.54 -6.96 10.88
C ASP B 201 7.04 -7.18 10.94
N GLY B 202 6.54 -8.00 10.02
CA GLY B 202 5.13 -8.45 10.01
C GLY B 202 4.71 -9.00 11.36
N HIS B 203 5.56 -9.81 11.98
CA HIS B 203 5.30 -10.26 13.35
C HIS B 203 4.87 -9.11 14.29
N HIS B 204 5.65 -8.04 14.33
CA HIS B 204 5.38 -6.89 15.22
C HIS B 204 4.15 -6.08 14.79
N LEU B 205 3.89 -6.03 13.49
CA LEU B 205 2.69 -5.37 12.95
C LEU B 205 1.44 -6.12 13.37
N SER B 206 1.52 -7.44 13.31
CA SER B 206 0.42 -8.29 13.69
C SER B 206 0.09 -8.07 15.20
N LEU B 207 1.13 -8.04 16.03
CA LEU B 207 0.99 -7.71 17.44
C LEU B 207 0.45 -6.32 17.69
N PHE B 208 0.94 -5.34 16.94
CA PHE B 208 0.44 -3.98 17.08
C PHE B 208 -1.08 -3.93 16.88
N TYR B 209 -1.57 -4.50 15.78
CA TYR B 209 -3.01 -4.42 15.42
C TYR B 209 -3.87 -5.21 16.38
N LYS B 210 -3.36 -6.33 16.85
CA LYS B 210 -4.00 -7.14 17.88
C LYS B 210 -4.24 -6.36 19.17
N LYS B 211 -3.21 -5.68 19.69
CA LYS B 211 -3.32 -4.86 20.89
C LYS B 211 -4.28 -3.67 20.74
N VAL B 212 -4.24 -2.98 19.59
CA VAL B 212 -5.16 -1.90 19.30
C VAL B 212 -6.61 -2.43 19.34
N GLU B 213 -6.87 -3.51 18.61
CA GLU B 213 -8.20 -4.10 18.57
C GLU B 213 -8.68 -4.60 19.94
N ASP B 214 -7.82 -5.32 20.67
CA ASP B 214 -8.10 -5.71 22.07
C ASP B 214 -8.57 -4.58 22.97
N PHE B 215 -8.04 -3.38 22.78
CA PHE B 215 -8.46 -2.22 23.56
C PHE B 215 -9.80 -1.64 23.08
N LEU B 216 -10.12 -1.77 21.80
CA LEU B 216 -11.23 -1.08 21.18
C LEU B 216 -12.43 -2.00 21.02
N LYS B 217 -12.16 -3.29 21.07
CA LYS B 217 -13.09 -4.30 21.58
C LYS B 217 -13.78 -5.02 20.50
N SER C 1 0.34 22.43 -24.25
CA SER C 1 -0.38 23.58 -23.64
C SER C 1 -1.56 23.98 -24.51
N ASN C 2 -1.64 25.30 -24.71
CA ASN C 2 -2.86 26.00 -25.10
C ASN C 2 -3.95 25.75 -24.08
N ALA C 3 -3.55 25.57 -22.83
CA ALA C 3 -4.47 25.31 -21.72
C ALA C 3 -4.78 26.55 -20.89
N LYS C 5 -5.39 27.32 -17.36
CA LYS C 5 -4.22 27.59 -16.41
C LYS C 5 -3.79 29.01 -15.83
N GLN C 6 -3.40 29.00 -14.56
CA GLN C 6 -2.96 30.17 -13.79
C GLN C 6 -1.67 29.87 -13.00
N ILE C 7 -0.62 30.69 -13.20
CA ILE C 7 0.60 30.64 -12.33
C ILE C 7 0.20 31.13 -10.95
N ILE C 8 0.46 30.31 -9.92
CA ILE C 8 -0.04 30.60 -8.57
C ILE C 8 0.85 31.61 -7.87
N ASP C 9 0.21 32.58 -7.24
CA ASP C 9 0.92 33.54 -6.42
C ASP C 9 1.19 32.87 -5.09
N ILE C 10 2.35 32.22 -4.98
CA ILE C 10 2.69 31.43 -3.81
C ILE C 10 2.48 32.16 -2.48
N GLU C 11 2.82 33.45 -2.43
CA GLU C 11 2.76 34.20 -1.17
C GLU C 11 1.36 34.46 -0.66
N ASN C 12 0.38 34.53 -1.56
CA ASN C 12 -1.02 34.64 -1.14
C ASN C 12 -1.80 33.33 -1.24
N TRP C 13 -1.07 32.25 -1.45
CA TRP C 13 -1.68 30.93 -1.60
C TRP C 13 -2.00 30.34 -0.25
N GLU C 14 -3.25 29.96 -0.09
CA GLU C 14 -3.77 29.31 1.10
C GLU C 14 -3.00 28.01 1.49
N ARG C 15 -2.35 27.35 0.52
CA ARG C 15 -1.60 26.13 0.84
C ARG C 15 -0.09 26.31 0.78
N LYS C 16 0.36 27.56 0.88
CA LYS C 16 1.78 27.89 0.89
C LYS C 16 2.61 26.98 1.84
N GLU C 17 2.18 26.90 3.10
CA GLU C 17 2.91 26.13 4.12
C GLU C 17 2.77 24.64 3.91
N ASN C 18 1.55 24.18 3.60
CA ASN C 18 1.29 22.80 3.23
C ASN C 18 2.21 22.32 2.12
N PHE C 19 2.32 23.12 1.06
CA PHE C 19 3.16 22.76 -0.06
C PHE C 19 4.66 22.83 0.30
N ASN C 20 5.07 23.88 1.00
CA ASN C 20 6.47 24.04 1.34
C ASN C 20 6.98 22.95 2.28
N PHE C 21 6.10 22.47 3.16
CA PHE C 21 6.37 21.33 4.00
C PHE C 21 6.99 20.18 3.19
N PHE C 22 6.36 19.86 2.06
CA PHE C 22 6.70 18.68 1.26
C PHE C 22 7.77 18.86 0.19
N ARG C 23 8.28 20.09 0.08
CA ARG C 23 8.99 20.46 -1.15
C ARG C 23 10.34 19.77 -1.35
N HIS C 24 11.02 19.42 -0.26
CA HIS C 24 12.26 18.64 -0.38
C HIS C 24 12.18 17.13 -0.03
N PHE C 25 10.97 16.59 0.09
CA PHE C 25 10.76 15.16 0.39
C PHE C 25 11.27 14.29 -0.72
N GLN C 26 11.89 13.18 -0.36
CA GLN C 26 12.22 12.18 -1.35
C GLN C 26 10.92 11.68 -2.05
N ASN C 27 9.88 11.50 -1.27
CA ASN C 27 8.59 11.09 -1.84
C ASN C 27 7.47 11.89 -1.17
N PRO C 28 6.98 12.92 -1.89
CA PRO C 28 5.93 13.82 -1.42
C PRO C 28 4.50 13.31 -1.75
N GLN C 29 4.39 12.12 -2.31
CA GLN C 29 3.09 11.59 -2.74
C GLN C 29 2.42 10.70 -1.70
N LEU C 30 1.10 10.78 -1.61
CA LEU C 30 0.38 9.71 -0.98
C LEU C 30 -0.44 8.86 -1.97
N SER C 31 -0.66 7.59 -1.63
CA SER C 31 -1.61 6.75 -2.33
C SER C 31 -2.78 6.41 -1.43
N ILE C 32 -3.98 6.45 -2.01
CA ILE C 32 -5.17 6.06 -1.29
C ILE C 32 -5.99 5.13 -2.18
N THR C 33 -6.65 4.15 -1.56
CA THR C 33 -7.61 3.31 -2.24
C THR C 33 -8.86 3.39 -1.38
N SER C 34 -9.99 3.58 -2.03
CA SER C 34 -11.28 3.46 -1.36
C SER C 34 -12.24 2.77 -2.32
N GLU C 35 -13.45 2.52 -1.88
CA GLU C 35 -14.42 1.97 -2.81
C GLU C 35 -15.71 2.75 -2.85
N VAL C 36 -16.40 2.66 -3.98
CA VAL C 36 -17.57 3.50 -4.19
C VAL C 36 -18.70 2.60 -4.66
N GLU C 37 -19.90 2.90 -4.20
CA GLU C 37 -21.07 2.22 -4.74
C GLU C 37 -21.28 2.63 -6.19
N CYS C 38 -21.59 1.62 -7.01
CA CYS C 38 -21.73 1.84 -8.45
C CYS C 38 -22.89 1.06 -9.13
N GLY C 39 -23.81 0.51 -8.34
CA GLY C 39 -24.97 -0.20 -8.92
C GLY C 39 -25.93 0.61 -9.79
N GLY C 40 -26.20 1.86 -9.39
CA GLY C 40 -27.04 2.76 -10.20
C GLY C 40 -26.51 2.96 -11.60
N ALA C 41 -25.19 3.21 -11.72
CA ALA C 41 -24.54 3.42 -13.00
C ALA C 41 -24.47 2.16 -13.83
N ARG C 42 -24.21 1.02 -13.18
CA ARG C 42 -24.27 -0.26 -13.87
C ARG C 42 -25.65 -0.44 -14.57
N GLN C 43 -26.70 -0.12 -13.84
CA GLN C 43 -28.07 -0.21 -14.30
C GLN C 43 -28.43 0.80 -15.40
N ARG C 44 -28.00 2.05 -15.25
CA ARG C 44 -28.19 3.09 -16.26
C ARG C 44 -27.45 2.75 -17.53
N ALA C 45 -26.20 2.28 -17.42
CA ALA C 45 -25.43 1.88 -18.60
C ALA C 45 -26.02 0.65 -19.32
N LYS C 46 -26.48 -0.31 -18.54
CA LYS C 46 -27.19 -1.46 -19.08
C LYS C 46 -28.46 -0.99 -19.83
N ALA C 47 -29.28 -0.16 -19.20
CA ALA C 47 -30.53 0.30 -19.83
C ALA C 47 -30.29 1.01 -21.16
N ALA C 48 -29.20 1.78 -21.21
CA ALA C 48 -28.92 2.60 -22.37
C ALA C 48 -28.03 1.90 -23.39
N GLY C 49 -27.61 0.67 -23.12
CA GLY C 49 -26.66 -0.03 -24.00
C GLY C 49 -25.31 0.70 -24.08
N GLN C 50 -24.88 1.27 -22.95
CA GLN C 50 -23.69 2.13 -22.88
C GLN C 50 -22.51 1.44 -22.22
N SER C 51 -21.31 1.99 -22.41
CA SER C 51 -20.12 1.47 -21.73
C SER C 51 -20.13 1.86 -20.24
N PHE C 52 -20.12 0.87 -19.34
CA PHE C 52 -20.00 1.15 -17.90
C PHE C 52 -18.69 1.92 -17.63
N PHE C 53 -17.62 1.52 -18.30
CA PHE C 53 -16.32 2.14 -18.19
C PHE C 53 -16.38 3.69 -18.31
N LEU C 54 -17.09 4.18 -19.33
CA LEU C 54 -17.20 5.61 -19.57
C LEU C 54 -18.04 6.32 -18.46
N HIS C 55 -18.96 5.59 -17.80
CA HIS C 55 -19.71 6.16 -16.67
C HIS C 55 -18.78 6.48 -15.52
N TYR C 56 -17.94 5.52 -15.11
CA TYR C 56 -17.05 5.81 -13.97
C TYR C 56 -15.86 6.66 -14.35
N LEU C 57 -15.43 6.58 -15.60
CA LEU C 57 -14.39 7.48 -16.11
C LEU C 57 -14.84 8.92 -15.94
N TYR C 58 -16.08 9.15 -16.32
CA TYR C 58 -16.65 10.48 -16.21
C TYR C 58 -16.84 10.91 -14.77
N ALA C 59 -17.38 10.01 -13.93
CA ALA C 59 -17.54 10.28 -12.50
C ALA C 59 -16.25 10.82 -11.87
N VAL C 60 -15.15 10.13 -12.13
CA VAL C 60 -13.81 10.51 -11.67
C VAL C 60 -13.34 11.88 -12.22
N LEU C 61 -13.46 12.04 -13.55
CA LEU C 61 -13.09 13.26 -14.22
C LEU C 61 -13.88 14.46 -13.73
N ARG C 62 -15.18 14.26 -13.49
CA ARG C 62 -16.02 15.35 -13.01
C ARG C 62 -15.63 15.77 -11.58
N ALA C 63 -15.42 14.80 -10.70
CA ALA C 63 -15.00 15.07 -9.31
C ALA C 63 -13.73 15.90 -9.24
N ALA C 64 -12.73 15.55 -10.05
CA ALA C 64 -11.45 16.23 -10.09
C ALA C 64 -11.61 17.65 -10.66
N ASN C 65 -12.50 17.80 -11.65
CA ASN C 65 -12.87 19.11 -12.12
C ASN C 65 -13.62 19.98 -11.11
N GLU C 66 -14.33 19.36 -10.17
CA GLU C 66 -15.14 20.11 -9.20
C GLU C 66 -14.41 20.42 -7.89
N ILE C 67 -13.24 19.82 -7.72
CA ILE C 67 -12.41 20.09 -6.55
C ILE C 67 -11.10 20.68 -7.06
N PRO C 68 -10.94 22.01 -6.90
CA PRO C 68 -9.78 22.77 -7.41
C PRO C 68 -8.41 22.14 -7.05
N GLU C 69 -8.32 21.56 -5.85
CA GLU C 69 -7.07 20.96 -5.31
C GLU C 69 -6.52 19.87 -6.19
N PHE C 70 -7.43 19.18 -6.90
CA PHE C 70 -7.09 18.12 -7.85
C PHE C 70 -6.56 18.64 -9.19
N ARG C 71 -6.48 19.96 -9.32
CA ARG C 71 -6.08 20.60 -10.59
C ARG C 71 -4.77 21.42 -10.49
N TYR C 72 -4.13 21.37 -9.32
CA TYR C 72 -2.83 22.00 -9.09
C TYR C 72 -1.73 21.07 -9.56
N ARG C 73 -0.74 21.65 -10.25
CA ARG C 73 0.38 20.91 -10.82
C ARG C 73 1.64 21.70 -10.61
N ILE C 74 2.76 21.01 -10.84
CA ILE C 74 4.05 21.63 -10.88
C ILE C 74 4.44 21.61 -12.36
N ASP C 75 4.50 22.80 -12.99
CA ASP C 75 4.95 22.90 -14.38
C ASP C 75 6.41 22.47 -14.58
N PRO C 76 6.86 22.28 -15.85
CA PRO C 76 8.28 21.93 -16.13
C PRO C 76 9.35 22.85 -15.51
N ASP C 77 9.01 24.08 -15.18
CA ASP C 77 9.97 24.97 -14.53
C ASP C 77 9.89 24.93 -13.02
N GLY C 78 9.07 24.04 -12.49
CA GLY C 78 8.96 23.88 -11.04
C GLY C 78 7.98 24.85 -10.39
N ARG C 79 7.26 25.60 -11.18
CA ARG C 79 6.26 26.52 -10.62
C ARG C 79 4.89 25.84 -10.45
N VAL C 80 4.26 26.13 -9.32
CA VAL C 80 2.87 25.74 -9.09
C VAL C 80 1.91 26.45 -10.06
N VAL C 81 1.11 25.65 -10.78
CA VAL C 81 0.04 26.13 -11.65
C VAL C 81 -1.32 25.46 -11.32
N LEU C 82 -2.38 26.24 -11.41
CA LEU C 82 -3.73 25.74 -11.33
C LEU C 82 -4.33 25.65 -12.74
N TYR C 83 -4.85 24.48 -13.12
CA TYR C 83 -5.57 24.36 -14.37
C TYR C 83 -7.06 24.54 -14.15
N ASP C 84 -7.67 25.35 -15.01
CA ASP C 84 -9.10 25.62 -14.87
C ASP C 84 -9.90 24.34 -15.05
N THR C 85 -9.43 23.53 -16.00
CA THR C 85 -10.08 22.34 -16.43
C THR C 85 -9.02 21.23 -16.67
N ILE C 86 -9.43 19.98 -16.51
CA ILE C 86 -8.54 18.82 -16.52
C ILE C 86 -9.20 17.80 -17.45
N ASP C 87 -8.42 17.22 -18.37
CA ASP C 87 -8.90 16.12 -19.23
C ASP C 87 -8.43 14.74 -18.72
N LEU C 89 -6.60 11.03 -19.41
CA LEU C 89 -5.92 9.99 -20.18
C LEU C 89 -6.30 8.62 -19.69
N SER C 90 -6.40 7.67 -20.61
CA SER C 90 -6.69 6.29 -20.21
C SER C 90 -6.13 5.31 -21.24
N PRO C 91 -5.40 4.27 -20.80
CA PRO C 91 -4.99 3.20 -21.70
C PRO C 91 -6.20 2.38 -22.12
N ILE C 92 -6.59 2.46 -23.38
CA ILE C 92 -7.71 1.69 -23.89
C ILE C 92 -7.22 0.37 -24.49
N PHE C 100 -2.77 -2.05 -25.13
CA PHE C 100 -3.36 -0.76 -24.75
C PHE C 100 -2.81 0.45 -25.54
N PHE C 101 -3.69 1.40 -25.81
CA PHE C 101 -3.26 2.69 -26.34
C PHE C 101 -3.81 3.82 -25.48
N THR C 102 -2.92 4.64 -24.95
CA THR C 102 -3.29 5.74 -24.06
C THR C 102 -3.97 6.86 -24.84
N THR C 103 -5.25 7.06 -24.54
CA THR C 103 -6.05 8.02 -25.27
C THR C 103 -6.63 9.13 -24.38
N ARG C 104 -6.88 10.27 -25.01
CA ARG C 104 -7.20 11.47 -24.30
C ARG C 104 -8.68 11.78 -24.46
N PHE C 105 -9.33 12.13 -23.35
CA PHE C 105 -10.75 12.41 -23.33
C PHE C 105 -10.97 13.80 -22.75
N PRO C 106 -11.45 14.74 -23.58
CA PRO C 106 -11.72 16.05 -23.04
C PRO C 106 -12.90 16.03 -22.10
N TYR C 107 -12.82 16.84 -21.06
CA TYR C 107 -13.89 16.98 -20.13
C TYR C 107 -15.07 17.78 -20.73
N HIS C 108 -16.29 17.33 -20.51
CA HIS C 108 -17.45 18.18 -20.77
C HIS C 108 -18.30 18.19 -19.53
N ASN C 109 -18.85 19.37 -19.18
CA ASN C 109 -19.83 19.55 -18.10
C ASN C 109 -21.04 18.63 -18.25
N ASP C 110 -21.26 18.16 -19.46
CA ASP C 110 -22.46 17.44 -19.80
C ASP C 110 -22.12 15.98 -20.08
N PHE C 111 -22.64 15.06 -19.27
CA PHE C 111 -22.33 13.64 -19.44
C PHE C 111 -22.58 13.13 -20.86
N ASP C 112 -23.74 13.47 -21.43
CA ASP C 112 -24.11 12.93 -22.77
C ASP C 112 -23.17 13.42 -23.87
N THR C 113 -22.85 14.72 -23.85
CA THR C 113 -21.76 15.25 -24.71
C THR C 113 -20.46 14.50 -24.45
N PHE C 114 -20.02 14.46 -23.18
CA PHE C 114 -18.79 13.71 -22.86
C PHE C 114 -18.85 12.32 -23.43
N TYR C 115 -19.95 11.61 -23.14
CA TYR C 115 -20.13 10.23 -23.60
C TYR C 115 -20.00 10.11 -25.12
N GLN C 116 -20.75 10.95 -25.83
CA GLN C 116 -20.72 10.97 -27.30
C GLN C 116 -19.31 11.15 -27.85
N GLU C 117 -18.62 12.20 -27.38
CA GLU C 117 -17.24 12.46 -27.83
C GLU C 117 -16.28 11.32 -27.48
N ALA C 118 -16.42 10.77 -26.27
CA ALA C 118 -15.58 9.64 -25.83
C ALA C 118 -15.74 8.42 -26.72
N ARG C 119 -16.99 8.08 -27.06
CA ARG C 119 -17.26 6.97 -27.99
C ARG C 119 -16.65 7.15 -29.41
N LEU C 120 -16.78 8.34 -29.97
CA LEU C 120 -16.10 8.68 -31.23
C LEU C 120 -14.58 8.55 -31.13
N ILE C 121 -14.00 9.09 -30.05
CA ILE C 121 -12.55 8.93 -29.80
C ILE C 121 -12.12 7.45 -29.66
N ILE C 122 -12.94 6.64 -29.00
CA ILE C 122 -12.61 5.22 -28.89
C ILE C 122 -12.73 4.52 -30.26
N ASP C 123 -13.82 4.83 -30.98
CA ASP C 123 -14.02 4.21 -32.30
C ASP C 123 -12.79 4.43 -33.20
N ALA C 124 -12.28 5.66 -33.25
CA ALA C 124 -10.94 5.89 -33.80
C ALA C 124 -9.90 5.32 -32.82
N GLY C 142 4.60 20.34 -22.09
CA GLY C 142 4.37 20.20 -20.63
C GLY C 142 2.90 20.37 -20.24
N ASP C 143 2.02 19.65 -20.94
CA ASP C 143 0.58 19.68 -20.59
C ASP C 143 0.33 18.69 -19.47
N TYR C 144 0.16 19.24 -18.29
CA TYR C 144 -0.05 18.46 -17.08
C TYR C 144 -1.50 18.64 -16.62
N GLY C 145 -2.32 19.26 -17.48
CA GLY C 145 -3.73 19.49 -17.16
C GLY C 145 -4.55 18.24 -17.37
N LEU C 146 -4.11 17.16 -16.71
CA LEU C 146 -4.58 15.82 -16.98
C LEU C 146 -4.69 15.05 -15.67
N ILE C 147 -5.45 13.96 -15.70
CA ILE C 147 -5.30 12.84 -14.79
C ILE C 147 -5.31 11.61 -15.66
N LEU C 148 -4.74 10.53 -15.13
CA LEU C 148 -4.73 9.28 -15.85
C LEU C 148 -5.41 8.22 -14.98
N LEU C 149 -6.39 7.56 -15.56
CA LEU C 149 -6.99 6.42 -14.94
C LEU C 149 -6.72 5.20 -15.77
N SER C 150 -6.25 4.17 -15.07
CA SER C 150 -6.01 2.85 -15.60
C SER C 150 -7.06 1.85 -15.05
N ALA C 151 -7.78 1.18 -15.94
CA ALA C 151 -8.87 0.28 -15.53
C ALA C 151 -8.43 -1.17 -15.61
N THR C 152 -8.71 -1.97 -14.59
CA THR C 152 -8.50 -3.42 -14.71
C THR C 152 -9.79 -4.09 -14.26
N PRO C 153 -10.79 -4.16 -15.19
CA PRO C 153 -12.14 -4.55 -14.77
C PRO C 153 -12.28 -5.98 -14.22
N ASP C 154 -11.27 -6.81 -14.48
CA ASP C 154 -11.23 -8.18 -14.00
C ASP C 154 -10.41 -8.37 -12.71
N LEU C 155 -9.93 -7.27 -12.10
CA LEU C 155 -9.10 -7.38 -10.89
C LEU C 155 -9.66 -6.54 -9.79
N TYR C 156 -10.17 -7.20 -8.76
CA TYR C 156 -10.52 -6.47 -7.55
C TYR C 156 -9.23 -6.26 -6.71
N PHE C 157 -9.13 -5.14 -6.00
CA PHE C 157 -7.95 -4.88 -5.17
C PHE C 157 -8.35 -3.98 -4.04
N THR C 158 -7.67 -4.10 -2.90
CA THR C 158 -7.92 -3.20 -1.75
C THR C 158 -6.88 -2.10 -1.68
N SER C 159 -5.87 -2.21 -2.55
CA SER C 159 -4.77 -1.27 -2.56
C SER C 159 -4.00 -1.32 -3.88
N ILE C 160 -3.69 -0.15 -4.42
CA ILE C 160 -2.63 0.00 -5.41
C ILE C 160 -1.81 1.20 -5.00
N THR C 161 -0.50 1.06 -5.00
CA THR C 161 0.33 2.25 -4.86
C THR C 161 1.19 2.43 -6.09
N GLY C 162 1.10 3.62 -6.67
CA GLY C 162 1.70 3.93 -7.96
C GLY C 162 3.19 4.23 -7.95
N THR C 163 3.70 4.30 -9.17
CA THR C 163 5.07 4.69 -9.45
C THR C 163 5.34 6.15 -9.13
N GLN C 164 6.60 6.53 -9.09
CA GLN C 164 7.00 7.90 -8.91
C GLN C 164 8.13 8.19 -9.90
N GLU C 165 7.85 9.09 -10.84
CA GLU C 165 8.80 9.38 -11.90
C GLU C 165 10.05 10.07 -11.36
N LYS C 166 9.82 11.16 -10.67
CA LYS C 166 10.89 11.98 -10.21
C LYS C 166 10.63 12.42 -8.76
N ARG C 167 11.67 13.01 -8.16
CA ARG C 167 11.67 13.41 -6.77
C ARG C 167 10.47 14.26 -6.42
N SER C 168 10.15 15.23 -7.28
CA SER C 168 9.06 16.17 -7.01
C SER C 168 7.68 15.52 -7.23
N GLY C 169 7.68 14.31 -7.78
CA GLY C 169 6.50 13.47 -7.91
C GLY C 169 6.13 13.30 -9.38
N ASN C 170 5.09 12.53 -9.67
CA ASN C 170 4.56 12.46 -11.00
C ASN C 170 4.03 13.82 -11.50
N ASN C 171 4.02 13.99 -12.81
CA ASN C 171 3.52 15.22 -13.41
C ASN C 171 2.06 15.51 -13.11
N TYR C 172 1.24 14.46 -12.98
CA TYR C 172 -0.17 14.56 -12.64
C TYR C 172 -0.65 13.26 -11.89
N PRO C 173 -1.81 13.33 -11.23
CA PRO C 173 -2.37 12.15 -10.56
C PRO C 173 -2.60 10.91 -11.41
N LEU C 174 -2.30 9.78 -10.80
CA LEU C 174 -2.45 8.48 -11.46
C LEU C 174 -3.46 7.68 -10.65
N LEU C 175 -4.47 7.18 -11.34
CA LEU C 175 -5.57 6.47 -10.70
C LEU C 175 -5.67 5.11 -11.32
N ASN C 176 -6.28 4.21 -10.54
CA ASN C 176 -6.53 2.85 -10.99
C ASN C 176 -7.95 2.50 -10.58
N ALA C 177 -8.70 1.92 -11.50
CA ALA C 177 -10.04 1.44 -11.18
C ALA C 177 -10.04 -0.05 -11.33
N GLY C 178 -10.73 -0.73 -10.42
CA GLY C 178 -10.74 -2.18 -10.47
C GLY C 178 -12.15 -2.74 -10.58
N LYS C 179 -12.26 -4.05 -10.36
CA LYS C 179 -13.47 -4.82 -10.59
C LYS C 179 -14.63 -4.42 -9.68
N ALA C 180 -15.80 -4.28 -10.26
CA ALA C 180 -17.03 -4.02 -9.51
C ALA C 180 -17.49 -5.35 -8.93
N ILE C 181 -17.79 -5.32 -7.64
CA ILE C 181 -17.92 -6.52 -6.84
C ILE C 181 -19.12 -6.31 -5.93
N ILE C 182 -19.85 -7.38 -5.63
CA ILE C 182 -20.98 -7.28 -4.69
C ILE C 182 -20.50 -7.55 -3.26
N ARG C 183 -20.53 -6.53 -2.42
CA ARG C 183 -19.99 -6.62 -1.09
C ARG C 183 -21.11 -6.32 -0.12
N GLU C 184 -21.48 -7.33 0.68
CA GLU C 184 -22.66 -7.26 1.56
C GLU C 184 -23.91 -6.73 0.85
N GLY C 185 -24.11 -7.20 -0.38
CA GLY C 185 -25.33 -6.94 -1.12
C GLY C 185 -25.30 -5.72 -2.03
N ARG C 186 -24.19 -5.00 -2.05
CA ARG C 186 -24.09 -3.75 -2.82
C ARG C 186 -22.94 -3.82 -3.78
N LEU C 187 -23.19 -3.45 -5.04
CA LEU C 187 -22.11 -3.27 -6.02
C LEU C 187 -21.18 -2.09 -5.64
N VAL C 188 -19.90 -2.40 -5.47
CA VAL C 188 -18.87 -1.43 -5.13
C VAL C 188 -17.72 -1.69 -6.08
N PRO C 190 -13.30 -0.57 -6.40
CA PRO C 190 -12.14 0.13 -5.85
C PRO C 190 -11.58 1.16 -6.81
N ILE C 191 -11.23 2.33 -6.25
CA ILE C 191 -10.45 3.33 -6.98
C ILE C 191 -9.26 3.76 -6.12
N ALA C 192 -8.06 3.57 -6.66
CA ALA C 192 -6.79 3.99 -6.05
C ALA C 192 -6.32 5.26 -6.76
N THR C 194 -2.77 8.15 -6.66
CA THR C 194 -1.50 8.67 -6.18
C THR C 194 -1.44 10.13 -6.55
N ILE C 195 -1.32 10.99 -5.53
CA ILE C 195 -1.33 12.43 -5.68
C ILE C 195 -0.17 13.02 -4.83
N HIS C 196 0.09 14.31 -5.04
CA HIS C 196 1.08 15.05 -4.31
C HIS C 196 0.42 15.63 -3.07
N HIS C 197 0.96 15.29 -1.89
CA HIS C 197 0.41 15.65 -0.60
C HIS C 197 0.43 17.14 -0.29
N GLY C 198 1.32 17.90 -0.95
CA GLY C 198 1.31 19.36 -0.86
C GLY C 198 0.05 20.01 -1.41
N PHE C 199 -0.62 19.37 -2.37
CA PHE C 199 -1.88 19.90 -2.96
C PHE C 199 -3.18 19.48 -2.29
N ILE C 200 -3.15 18.34 -1.63
CA ILE C 200 -4.36 17.60 -1.26
C ILE C 200 -4.22 17.00 0.12
N ASP C 201 -5.19 17.26 0.98
CA ASP C 201 -5.33 16.55 2.27
C ASP C 201 -6.52 15.57 2.30
N GLY C 202 -6.69 14.90 3.45
CA GLY C 202 -7.72 13.87 3.69
C GLY C 202 -9.12 14.39 3.48
N HIS C 203 -9.32 15.65 3.83
CA HIS C 203 -10.58 16.34 3.56
C HIS C 203 -10.98 16.36 2.06
N HIS C 204 -10.00 16.61 1.19
CA HIS C 204 -10.22 16.71 -0.25
C HIS C 204 -10.39 15.32 -0.85
N LEU C 205 -9.72 14.34 -0.26
CA LEU C 205 -9.83 12.97 -0.73
C LEU C 205 -11.23 12.44 -0.47
N SER C 206 -11.75 12.83 0.68
CA SER C 206 -13.06 12.44 1.12
C SER C 206 -14.17 13.05 0.27
N LEU C 207 -14.00 14.33 -0.09
CA LEU C 207 -14.92 14.99 -1.02
C LEU C 207 -14.87 14.36 -2.41
N PHE C 208 -13.67 13.97 -2.86
CA PHE C 208 -13.47 13.30 -4.16
C PHE C 208 -14.28 11.99 -4.33
N TYR C 209 -14.11 11.08 -3.38
CA TYR C 209 -14.79 9.78 -3.37
C TYR C 209 -16.28 9.95 -3.23
N LYS C 210 -16.68 10.85 -2.33
CA LYS C 210 -18.10 11.20 -2.17
C LYS C 210 -18.70 11.65 -3.48
N LYS C 211 -18.04 12.55 -4.20
CA LYS C 211 -18.53 12.98 -5.51
C LYS C 211 -18.55 11.84 -6.55
N VAL C 212 -17.50 11.01 -6.62
CA VAL C 212 -17.51 9.90 -7.58
C VAL C 212 -18.71 8.97 -7.30
N GLU C 213 -18.92 8.64 -6.01
CA GLU C 213 -20.04 7.79 -5.59
C GLU C 213 -21.42 8.42 -5.86
N ASP C 214 -21.59 9.72 -5.55
CA ASP C 214 -22.86 10.35 -5.86
C ASP C 214 -23.25 10.19 -7.35
N PHE C 215 -22.30 10.33 -8.27
CA PHE C 215 -22.57 10.09 -9.70
C PHE C 215 -22.85 8.60 -10.00
N LEU C 216 -22.30 7.67 -9.23
CA LEU C 216 -22.34 6.28 -9.65
C LEU C 216 -23.37 5.41 -8.97
N LYS C 217 -23.73 5.76 -7.74
CA LYS C 217 -24.47 4.84 -6.89
C LYS C 217 -25.91 4.57 -7.38
#